data_6YLR
#
_entry.id   6YLR
#
_cell.length_a   94.047
_cell.length_b   94.047
_cell.length_c   42.446
_cell.angle_alpha   90.000
_cell.angle_beta   90.000
_cell.angle_gamma   90.000
#
_symmetry.space_group_name_H-M   'P 43'
#
loop_
_entity.id
_entity.type
_entity.pdbx_description
1 polymer 'Eukaryotic translation initiation factor 4E'
2 non-polymer "bn7GpppG mRNA 5' cap analog"
3 water water
#
_entity_poly.entity_id   1
_entity_poly.type   'polypeptide(L)'
_entity_poly.pdbx_seq_one_letter_code
;MVANPEHYIKHPLQNRWALWFFKNDKSKTWQANLRLISKFDTVEDFWALYNHIQLSSNLMPGCDYSLFKDGIEPMWEDEK
NKRGGRWLITLNKQQRRSDLDRFWLETLLCLIGESFDDYSDDVCGAVVNVRAKGDKIAIWTTECENRDAVTHIGRVYKER
LGLPPKIVIGYQSHADTATKSGSTTKNRFVV
;
_entity_poly.pdbx_strand_id   A,B
#
# COMPACT_ATOMS: atom_id res chain seq x y z
N GLU A 6 5.85 21.19 -15.11
CA GLU A 6 4.61 20.70 -15.69
C GLU A 6 4.83 19.36 -16.40
N HIS A 7 5.97 18.75 -16.15
CA HIS A 7 6.30 17.45 -16.72
C HIS A 7 5.91 16.34 -15.74
N TYR A 8 5.13 15.38 -16.22
CA TYR A 8 4.63 14.28 -15.40
C TYR A 8 5.06 12.96 -16.03
N ILE A 9 5.95 12.24 -15.36
CA ILE A 9 6.48 10.96 -15.80
C ILE A 9 5.53 9.85 -15.36
N LYS A 10 5.37 8.82 -16.21
CA LYS A 10 4.54 7.68 -15.90
C LYS A 10 5.41 6.44 -15.80
N HIS A 11 5.34 5.76 -14.65
CA HIS A 11 6.15 4.57 -14.40
C HIS A 11 5.35 3.32 -14.78
N PRO A 12 5.78 2.54 -15.76
CA PRO A 12 4.97 1.42 -16.23
C PRO A 12 4.96 0.25 -15.24
N LEU A 13 3.83 -0.44 -15.18
CA LEU A 13 3.75 -1.72 -14.50
C LEU A 13 3.97 -2.85 -15.50
N GLN A 14 4.33 -4.02 -14.96
CA GLN A 14 4.61 -5.17 -15.80
C GLN A 14 3.35 -5.65 -16.53
N ASN A 15 2.19 -5.52 -15.90
CA ASN A 15 0.93 -6.00 -16.45
C ASN A 15 -0.10 -4.89 -16.40
N ARG A 16 -1.09 -5.00 -17.28
CA ARG A 16 -2.24 -4.13 -17.23
C ARG A 16 -3.29 -4.75 -16.33
N TRP A 17 -3.90 -3.92 -15.47
CA TRP A 17 -4.80 -4.39 -14.43
C TRP A 17 -6.14 -3.70 -14.59
N ALA A 18 -7.20 -4.40 -14.21
CA ALA A 18 -8.56 -3.90 -14.28
C ALA A 18 -9.19 -3.99 -12.89
N LEU A 19 -9.82 -2.89 -12.46
CA LEU A 19 -10.53 -2.87 -11.19
C LEU A 19 -12.01 -3.07 -11.45
N TRP A 20 -12.62 -3.99 -10.68
CA TRP A 20 -14.03 -4.34 -10.84
C TRP A 20 -14.78 -4.03 -9.55
N PHE A 21 -16.05 -3.69 -9.69
CA PHE A 21 -16.94 -3.38 -8.58
C PHE A 21 -18.16 -4.28 -8.64
N PHE A 22 -18.54 -4.82 -7.48
CA PHE A 22 -19.75 -5.62 -7.34
C PHE A 22 -20.73 -4.91 -6.42
N LYS A 23 -21.95 -4.70 -6.90
CA LYS A 23 -22.98 -4.00 -6.16
C LYS A 23 -23.91 -5.00 -5.48
N ASN A 24 -24.32 -4.69 -4.26
CA ASN A 24 -25.26 -5.53 -3.52
C ASN A 24 -26.67 -5.26 -4.02
N ASP A 25 -27.25 -6.23 -4.73
CA ASP A 25 -28.62 -6.09 -5.24
C ASP A 25 -29.15 -7.50 -5.50
N LYS A 26 -30.05 -7.95 -4.63
CA LYS A 26 -30.62 -9.29 -4.74
C LYS A 26 -31.77 -9.36 -5.74
N SER A 27 -32.17 -8.24 -6.32
CA SER A 27 -33.16 -8.25 -7.39
C SER A 27 -32.56 -8.60 -8.74
N LYS A 28 -31.23 -8.55 -8.87
CA LYS A 28 -30.54 -8.97 -10.08
C LYS A 28 -29.69 -10.20 -9.79
N THR A 29 -29.30 -10.89 -10.86
CA THR A 29 -28.44 -12.05 -10.72
C THR A 29 -27.03 -11.61 -10.34
N TRP A 30 -26.20 -12.60 -9.94
CA TRP A 30 -24.86 -12.28 -9.48
C TRP A 30 -24.03 -11.64 -10.58
N GLN A 31 -24.12 -12.17 -11.81
CA GLN A 31 -23.32 -11.63 -12.90
C GLN A 31 -23.71 -10.20 -13.24
N ALA A 32 -25.01 -9.88 -13.12
CA ALA A 32 -25.47 -8.54 -13.45
C ALA A 32 -25.01 -7.49 -12.46
N ASN A 33 -24.61 -7.90 -11.26
CA ASN A 33 -24.15 -6.96 -10.24
C ASN A 33 -22.67 -6.60 -10.35
N LEU A 34 -21.95 -7.22 -11.27
CA LEU A 34 -20.53 -6.96 -11.49
C LEU A 34 -20.35 -5.95 -12.62
N ARG A 35 -19.45 -4.98 -12.43
CA ARG A 35 -19.16 -4.02 -13.47
C ARG A 35 -17.69 -3.62 -13.45
N LEU A 36 -17.16 -3.37 -14.64
CA LEU A 36 -15.79 -2.88 -14.79
C LEU A 36 -15.70 -1.39 -14.46
N ILE A 37 -14.72 -1.02 -13.65
CA ILE A 37 -14.51 0.38 -13.30
C ILE A 37 -13.60 1.01 -14.36
N SER A 38 -12.33 0.59 -14.39
CA SER A 38 -11.36 1.08 -15.37
C SER A 38 -10.11 0.21 -15.26
N LYS A 39 -9.17 0.46 -16.16
CA LYS A 39 -7.90 -0.26 -16.17
C LYS A 39 -6.74 0.71 -16.12
N PHE A 40 -5.55 0.16 -15.85
CA PHE A 40 -4.34 0.94 -15.74
C PHE A 40 -3.14 0.03 -15.93
N ASP A 41 -2.01 0.64 -16.32
CA ASP A 41 -0.75 -0.09 -16.41
C ASP A 41 0.43 0.78 -15.97
N THR A 42 0.18 1.82 -15.18
CA THR A 42 1.23 2.67 -14.63
C THR A 42 0.98 2.89 -13.15
N VAL A 43 2.06 3.25 -12.44
CA VAL A 43 1.97 3.55 -11.02
C VAL A 43 1.05 4.75 -10.79
N GLU A 44 1.20 5.79 -11.62
CA GLU A 44 0.45 7.02 -11.43
C GLU A 44 -1.05 6.80 -11.66
N ASP A 45 -1.41 6.02 -12.68
CA ASP A 45 -2.83 5.79 -12.94
C ASP A 45 -3.45 4.90 -11.89
N PHE A 46 -2.67 4.04 -11.24
CA PHE A 46 -3.22 3.26 -10.14
C PHE A 46 -3.64 4.15 -8.98
N TRP A 47 -2.73 5.03 -8.54
CA TRP A 47 -3.04 5.91 -7.42
C TRP A 47 -4.17 6.88 -7.77
N ALA A 48 -4.21 7.33 -9.02
CA ALA A 48 -5.32 8.18 -9.44
C ALA A 48 -6.65 7.46 -9.28
N LEU A 49 -6.69 6.17 -9.64
CA LEU A 49 -7.91 5.39 -9.46
C LEU A 49 -8.18 5.15 -7.98
N TYR A 50 -7.16 4.74 -7.22
CA TYR A 50 -7.34 4.45 -5.80
C TYR A 50 -7.77 5.68 -5.03
N ASN A 51 -7.31 6.86 -5.42
CA ASN A 51 -7.60 8.08 -4.66
C ASN A 51 -8.98 8.65 -4.95
N HIS A 52 -9.71 8.13 -5.94
CA HIS A 52 -11.02 8.64 -6.28
C HIS A 52 -12.14 7.62 -6.10
N ILE A 53 -11.83 6.44 -5.57
CA ILE A 53 -12.83 5.42 -5.30
C ILE A 53 -13.00 5.29 -3.80
N GLN A 54 -14.11 4.68 -3.42
CA GLN A 54 -14.42 4.47 -2.01
C GLN A 54 -13.42 3.50 -1.39
N LEU A 55 -13.06 3.76 -0.13
CA LEU A 55 -12.30 2.77 0.63
C LEU A 55 -13.16 1.55 0.90
N SER A 56 -12.49 0.41 1.08
CA SER A 56 -13.21 -0.84 1.29
C SER A 56 -14.06 -0.80 2.56
N SER A 57 -13.60 -0.07 3.57
CA SER A 57 -14.34 0.03 4.82
C SER A 57 -15.60 0.87 4.70
N ASN A 58 -15.78 1.59 3.59
CA ASN A 58 -16.97 2.40 3.39
C ASN A 58 -17.96 1.78 2.42
N LEU A 59 -17.64 0.63 1.84
CA LEU A 59 -18.58 -0.07 0.98
C LEU A 59 -19.77 -0.56 1.78
N MET A 60 -20.95 -0.53 1.15
CA MET A 60 -22.12 -1.15 1.74
C MET A 60 -21.92 -2.66 1.84
N PRO A 61 -22.46 -3.30 2.88
CA PRO A 61 -22.25 -4.74 3.05
C PRO A 61 -22.81 -5.52 1.87
N GLY A 62 -22.05 -6.51 1.41
CA GLY A 62 -22.38 -7.28 0.24
C GLY A 62 -21.66 -6.87 -1.02
N CYS A 63 -20.85 -5.81 -0.96
CA CYS A 63 -20.13 -5.32 -2.13
C CYS A 63 -18.74 -5.94 -2.18
N ASP A 64 -18.16 -5.94 -3.38
CA ASP A 64 -16.80 -6.45 -3.61
C ASP A 64 -15.98 -5.43 -4.38
N TYR A 65 -14.67 -5.50 -4.17
CA TYR A 65 -13.70 -4.89 -5.07
C TYR A 65 -12.85 -6.02 -5.64
N SER A 66 -12.48 -5.90 -6.93
CA SER A 66 -11.63 -6.90 -7.55
C SER A 66 -10.64 -6.22 -8.47
N LEU A 67 -9.37 -6.63 -8.37
CA LEU A 67 -8.31 -6.20 -9.27
C LEU A 67 -7.72 -7.44 -9.93
N PHE A 68 -7.97 -7.60 -11.22
CA PHE A 68 -7.48 -8.75 -11.97
C PHE A 68 -6.67 -8.28 -13.17
N LYS A 69 -5.79 -9.15 -13.64
CA LYS A 69 -5.03 -8.88 -14.85
C LYS A 69 -5.99 -8.64 -16.01
N ASP A 70 -5.58 -7.76 -16.91
CA ASP A 70 -6.40 -7.42 -18.07
C ASP A 70 -6.73 -8.67 -18.87
N GLY A 71 -8.02 -8.89 -19.10
CA GLY A 71 -8.51 -10.06 -19.82
C GLY A 71 -9.04 -11.17 -18.94
N ILE A 72 -8.82 -11.11 -17.63
CA ILE A 72 -9.33 -12.10 -16.69
C ILE A 72 -10.49 -11.47 -15.92
N GLU A 73 -11.64 -12.07 -16.02
CA GLU A 73 -12.76 -11.55 -15.25
C GLU A 73 -12.76 -12.14 -13.85
N PRO A 74 -13.17 -11.36 -12.84
CA PRO A 74 -13.08 -11.79 -11.43
C PRO A 74 -14.17 -12.80 -11.05
N MET A 75 -14.29 -13.86 -11.85
CA MET A 75 -15.29 -14.88 -11.62
C MET A 75 -14.68 -16.26 -11.81
N TRP A 76 -15.27 -17.25 -11.14
CA TRP A 76 -14.68 -18.59 -11.09
C TRP A 76 -14.85 -19.35 -12.40
N GLU A 77 -15.73 -18.91 -13.30
CA GLU A 77 -15.91 -19.56 -14.59
C GLU A 77 -14.98 -19.02 -15.67
N ASP A 78 -14.14 -18.03 -15.34
CA ASP A 78 -13.18 -17.52 -16.32
C ASP A 78 -12.17 -18.60 -16.68
N GLU A 79 -11.70 -18.56 -17.93
CA GLU A 79 -10.79 -19.60 -18.42
C GLU A 79 -9.49 -19.62 -17.63
N LYS A 80 -9.05 -18.47 -17.13
CA LYS A 80 -7.83 -18.39 -16.34
C LYS A 80 -8.06 -18.66 -14.87
N ASN A 81 -9.31 -18.88 -14.46
CA ASN A 81 -9.65 -19.12 -13.06
C ASN A 81 -10.28 -20.47 -12.82
N LYS A 82 -10.75 -21.16 -13.87
CA LYS A 82 -11.57 -22.36 -13.69
C LYS A 82 -10.80 -23.48 -13.01
N ARG A 83 -9.48 -23.58 -13.24
CA ARG A 83 -8.68 -24.63 -12.62
C ARG A 83 -7.88 -24.12 -11.42
N GLY A 84 -8.09 -22.87 -11.02
CA GLY A 84 -7.27 -22.23 -10.01
C GLY A 84 -7.91 -22.20 -8.64
N GLY A 85 -7.46 -21.27 -7.82
CA GLY A 85 -7.96 -21.17 -6.47
C GLY A 85 -7.54 -19.86 -5.85
N ARG A 86 -7.76 -19.75 -4.53
CA ARG A 86 -7.52 -18.49 -3.83
C ARG A 86 -6.96 -18.74 -2.44
N TRP A 87 -6.04 -17.88 -2.03
CA TRP A 87 -5.62 -17.79 -0.64
C TRP A 87 -6.59 -16.84 0.07
N LEU A 88 -7.21 -17.31 1.13
CA LEU A 88 -8.30 -16.58 1.77
C LEU A 88 -7.86 -16.02 3.11
N ILE A 89 -8.20 -14.76 3.35
CA ILE A 89 -8.00 -14.10 4.64
C ILE A 89 -9.37 -13.72 5.18
N THR A 90 -9.60 -14.03 6.45
CA THR A 90 -10.87 -13.72 7.10
C THR A 90 -10.63 -12.76 8.25
N LEU A 91 -11.38 -11.66 8.26
CA LEU A 91 -11.23 -10.62 9.27
C LEU A 91 -12.45 -10.61 10.19
N ASN A 92 -12.24 -10.17 11.42
CA ASN A 92 -13.34 -9.95 12.35
C ASN A 92 -13.96 -8.57 12.08
N LYS A 93 -14.96 -8.20 12.89
CA LYS A 93 -15.60 -6.90 12.69
C LYS A 93 -14.68 -5.74 13.08
N GLN A 94 -13.87 -5.93 14.14
CA GLN A 94 -12.99 -4.85 14.56
C GLN A 94 -11.82 -4.68 13.60
N GLN A 95 -11.45 -5.74 12.89
CA GLN A 95 -10.39 -5.65 11.89
C GLN A 95 -10.77 -4.75 10.71
N ARG A 96 -12.04 -4.41 10.55
CA ARG A 96 -12.46 -3.58 9.43
C ARG A 96 -11.86 -2.18 9.53
N ARG A 97 -12.11 -1.50 10.64
CA ARG A 97 -11.52 -0.18 10.84
C ARG A 97 -10.02 -0.29 11.11
N SER A 98 -9.57 -1.41 11.66
CA SER A 98 -8.17 -1.55 12.05
C SER A 98 -7.27 -1.92 10.87
N ASP A 99 -7.68 -2.91 10.07
CA ASP A 99 -6.77 -3.52 9.10
C ASP A 99 -7.35 -3.72 7.71
N LEU A 100 -8.67 -3.57 7.51
CA LEU A 100 -9.26 -3.94 6.22
C LEU A 100 -8.71 -3.05 5.09
N ASP A 101 -8.78 -1.73 5.27
CA ASP A 101 -8.27 -0.83 4.24
C ASP A 101 -6.77 -1.01 4.03
N ARG A 102 -6.01 -1.18 5.12
CA ARG A 102 -4.58 -1.40 4.98
C ARG A 102 -4.28 -2.68 4.22
N PHE A 103 -4.90 -3.79 4.63
CA PHE A 103 -4.65 -5.08 4.01
C PHE A 103 -4.98 -5.04 2.51
N TRP A 104 -6.04 -4.33 2.15
CA TRP A 104 -6.44 -4.27 0.75
C TRP A 104 -5.43 -3.47 -0.08
N LEU A 105 -4.97 -2.35 0.45
CA LEU A 105 -4.01 -1.53 -0.30
C LEU A 105 -2.69 -2.27 -0.51
N GLU A 106 -2.12 -2.83 0.55
CA GLU A 106 -0.93 -3.66 0.41
C GLU A 106 -1.17 -4.82 -0.55
N THR A 107 -2.35 -5.42 -0.51
CA THR A 107 -2.69 -6.45 -1.49
C THR A 107 -2.61 -5.90 -2.91
N LEU A 108 -3.23 -4.74 -3.14
CA LEU A 108 -3.19 -4.13 -4.47
C LEU A 108 -1.74 -3.88 -4.90
N LEU A 109 -0.93 -3.30 -4.00
CA LEU A 109 0.46 -3.03 -4.33
C LEU A 109 1.26 -4.31 -4.49
N CYS A 110 0.89 -5.35 -3.74
CA CYS A 110 1.49 -6.67 -3.94
C CYS A 110 1.27 -7.16 -5.36
N LEU A 111 0.04 -7.04 -5.86
CA LEU A 111 -0.30 -7.52 -7.19
C LEU A 111 0.47 -6.75 -8.25
N ILE A 112 0.27 -5.43 -8.31
CA ILE A 112 0.84 -4.62 -9.39
C ILE A 112 2.35 -4.50 -9.31
N GLY A 113 2.97 -4.90 -8.19
CA GLY A 113 4.40 -4.89 -8.04
C GLY A 113 5.10 -6.15 -8.47
N GLU A 114 4.36 -7.19 -8.86
CA GLU A 114 4.92 -8.47 -9.31
C GLU A 114 5.87 -9.04 -8.25
N SER A 115 5.32 -9.26 -7.06
CA SER A 115 6.12 -9.56 -5.87
C SER A 115 6.19 -11.05 -5.56
N PHE A 116 5.97 -11.91 -6.55
CA PHE A 116 5.92 -13.35 -6.30
C PHE A 116 7.00 -14.10 -7.08
N ASP A 117 8.08 -13.41 -7.42
CA ASP A 117 9.31 -14.03 -7.94
C ASP A 117 9.00 -14.80 -9.22
N ASP A 118 9.26 -16.11 -9.28
CA ASP A 118 9.09 -16.88 -10.51
C ASP A 118 7.67 -17.29 -10.79
N TYR A 119 6.73 -17.02 -9.87
CA TYR A 119 5.35 -17.45 -10.03
C TYR A 119 4.38 -16.29 -10.13
N SER A 120 4.85 -15.12 -10.55
CA SER A 120 3.95 -13.98 -10.70
C SER A 120 2.92 -14.21 -11.80
N ASP A 121 3.30 -14.98 -12.82
CA ASP A 121 2.39 -15.25 -13.93
C ASP A 121 1.23 -16.13 -13.51
N ASP A 122 1.38 -16.92 -12.44
CA ASP A 122 0.27 -17.71 -11.93
C ASP A 122 -0.79 -16.86 -11.24
N VAL A 123 -0.44 -15.66 -10.80
CA VAL A 123 -1.41 -14.80 -10.13
C VAL A 123 -2.43 -14.29 -11.15
N CYS A 124 -3.71 -14.32 -10.75
CA CYS A 124 -4.79 -13.79 -11.58
C CYS A 124 -5.35 -12.48 -11.08
N GLY A 125 -5.46 -12.31 -9.76
CA GLY A 125 -6.02 -11.09 -9.21
C GLY A 125 -6.31 -11.27 -7.73
N ALA A 126 -7.05 -10.30 -7.20
CA ALA A 126 -7.44 -10.31 -5.79
C ALA A 126 -8.84 -9.73 -5.65
N VAL A 127 -9.55 -10.21 -4.62
CA VAL A 127 -10.92 -9.79 -4.33
C VAL A 127 -11.03 -9.49 -2.84
N VAL A 128 -11.78 -8.44 -2.51
CA VAL A 128 -12.16 -8.15 -1.13
C VAL A 128 -13.67 -8.11 -1.06
N ASN A 129 -14.25 -8.87 -0.14
CA ASN A 129 -15.68 -8.91 0.09
C ASN A 129 -16.00 -8.14 1.36
N VAL A 130 -16.92 -7.20 1.27
CA VAL A 130 -17.42 -6.47 2.44
C VAL A 130 -18.73 -7.14 2.84
N ARG A 131 -18.71 -7.86 3.96
CA ARG A 131 -19.84 -8.64 4.41
C ARG A 131 -20.16 -8.31 5.87
N ALA A 132 -21.45 -8.37 6.19
CA ALA A 132 -21.87 -8.17 7.58
C ALA A 132 -21.36 -9.29 8.47
N LYS A 133 -21.32 -10.52 7.94
CA LYS A 133 -20.83 -11.65 8.72
C LYS A 133 -19.32 -11.60 8.94
N GLY A 134 -18.60 -10.83 8.15
CA GLY A 134 -17.16 -10.75 8.28
C GLY A 134 -16.47 -10.55 6.94
N ASP A 135 -15.53 -9.61 6.88
CA ASP A 135 -14.90 -9.26 5.61
C ASP A 135 -13.86 -10.31 5.22
N LYS A 136 -13.65 -10.44 3.91
CA LYS A 136 -12.73 -11.42 3.37
C LYS A 136 -11.89 -10.79 2.28
N ILE A 137 -10.62 -11.18 2.20
CA ILE A 137 -9.70 -10.76 1.16
C ILE A 137 -9.03 -12.01 0.62
N ALA A 138 -8.95 -12.12 -0.71
CA ALA A 138 -8.36 -13.31 -1.33
C ALA A 138 -7.48 -12.93 -2.51
N ILE A 139 -6.44 -13.72 -2.72
CA ILE A 139 -5.58 -13.61 -3.90
C ILE A 139 -5.78 -14.87 -4.73
N TRP A 140 -6.14 -14.68 -6.00
CA TRP A 140 -6.48 -15.78 -6.89
C TRP A 140 -5.27 -16.17 -7.75
N THR A 141 -5.05 -17.47 -7.88
CA THR A 141 -4.04 -18.03 -8.78
C THR A 141 -4.72 -18.92 -9.80
N THR A 142 -4.00 -19.19 -10.90
CA THR A 142 -4.58 -19.81 -12.08
C THR A 142 -4.64 -21.33 -12.03
N GLU A 143 -3.87 -21.97 -11.15
CA GLU A 143 -3.81 -23.44 -11.16
C GLU A 143 -3.60 -23.94 -9.74
N CYS A 144 -4.60 -24.63 -9.19
CA CYS A 144 -4.55 -25.09 -7.81
C CYS A 144 -3.68 -26.33 -7.61
N GLU A 145 -3.23 -26.97 -8.68
CA GLU A 145 -2.36 -28.13 -8.55
C GLU A 145 -0.88 -27.79 -8.65
N ASN A 146 -0.53 -26.54 -8.93
CA ASN A 146 0.87 -26.11 -8.96
CA ASN A 146 0.86 -26.10 -8.96
C ASN A 146 1.31 -25.84 -7.53
N ARG A 147 1.91 -26.85 -6.91
CA ARG A 147 2.26 -26.77 -5.49
C ARG A 147 3.31 -25.68 -5.24
N ASP A 148 4.35 -25.63 -6.07
CA ASP A 148 5.39 -24.63 -5.86
C ASP A 148 4.85 -23.22 -6.02
N ALA A 149 4.03 -22.99 -7.04
CA ALA A 149 3.47 -21.66 -7.26
C ALA A 149 2.54 -21.27 -6.12
N VAL A 150 1.62 -22.16 -5.73
CA VAL A 150 0.60 -21.82 -4.74
C VAL A 150 1.23 -21.58 -3.38
N THR A 151 2.12 -22.49 -2.95
CA THR A 151 2.71 -22.33 -1.62
C THR A 151 3.63 -21.11 -1.57
N HIS A 152 4.35 -20.83 -2.66
CA HIS A 152 5.22 -19.67 -2.67
C HIS A 152 4.42 -18.38 -2.63
N ILE A 153 3.33 -18.32 -3.39
CA ILE A 153 2.50 -17.11 -3.42
C ILE A 153 1.87 -16.85 -2.05
N GLY A 154 1.41 -17.91 -1.38
CA GLY A 154 0.82 -17.75 -0.07
C GLY A 154 1.82 -17.28 0.98
N ARG A 155 3.03 -17.82 0.93
CA ARG A 155 4.04 -17.42 1.91
C ARG A 155 4.44 -15.97 1.73
N VAL A 156 4.66 -15.55 0.49
CA VAL A 156 5.00 -14.15 0.23
C VAL A 156 3.85 -13.23 0.61
N TYR A 157 2.62 -13.64 0.30
CA TYR A 157 1.46 -12.78 0.57
C TYR A 157 1.23 -12.61 2.07
N LYS A 158 1.32 -13.71 2.82
CA LYS A 158 1.08 -13.63 4.25
C LYS A 158 2.13 -12.76 4.93
N GLU A 159 3.40 -12.88 4.50
CA GLU A 159 4.46 -12.08 5.10
C GLU A 159 4.35 -10.62 4.70
N ARG A 160 3.98 -10.35 3.44
CA ARG A 160 3.89 -8.97 2.97
C ARG A 160 2.74 -8.22 3.62
N LEU A 161 1.79 -8.93 4.21
CA LEU A 161 0.67 -8.30 4.90
C LEU A 161 0.82 -8.41 6.42
N GLY A 162 2.02 -8.68 6.90
CA GLY A 162 2.32 -8.61 8.32
C GLY A 162 1.46 -9.52 9.18
N LEU A 163 0.97 -10.63 8.62
CA LEU A 163 0.13 -11.53 9.42
C LEU A 163 1.00 -12.35 10.35
N PRO A 164 0.63 -12.48 11.62
CA PRO A 164 1.43 -13.27 12.54
C PRO A 164 1.39 -14.75 12.18
N PRO A 165 2.41 -15.52 12.54
CA PRO A 165 2.38 -16.96 12.24
C PRO A 165 1.31 -17.72 13.01
N LYS A 166 0.78 -17.15 14.09
CA LYS A 166 -0.28 -17.82 14.84
C LYS A 166 -1.53 -18.03 14.00
N ILE A 167 -1.83 -17.10 13.11
CA ILE A 167 -2.97 -17.24 12.21
C ILE A 167 -2.55 -18.06 11.00
N VAL A 168 -3.36 -19.06 10.66
CA VAL A 168 -3.10 -19.93 9.51
C VAL A 168 -4.11 -19.57 8.42
N ILE A 169 -3.61 -19.30 7.22
CA ILE A 169 -4.46 -19.01 6.07
C ILE A 169 -4.48 -20.22 5.16
N GLY A 170 -5.63 -20.44 4.52
CA GLY A 170 -5.85 -21.62 3.72
C GLY A 170 -6.11 -21.29 2.27
N TYR A 171 -5.75 -22.23 1.40
CA TYR A 171 -5.99 -22.14 -0.03
C TYR A 171 -7.07 -23.13 -0.43
N GLN A 172 -8.00 -22.68 -1.27
CA GLN A 172 -9.13 -23.52 -1.67
C GLN A 172 -9.32 -23.43 -3.18
N SER A 173 -9.69 -24.56 -3.77
CA SER A 173 -9.94 -24.60 -5.20
C SER A 173 -11.25 -23.93 -5.55
N HIS A 174 -11.27 -23.22 -6.68
CA HIS A 174 -12.50 -22.57 -7.13
C HIS A 174 -13.57 -23.60 -7.44
N ALA A 175 -13.21 -24.67 -8.15
CA ALA A 175 -14.18 -25.70 -8.51
C ALA A 175 -14.77 -26.36 -7.27
N ASP A 176 -13.95 -26.54 -6.24
CA ASP A 176 -14.44 -27.10 -4.98
C ASP A 176 -15.35 -26.11 -4.27
N THR A 177 -14.96 -24.84 -4.26
CA THR A 177 -15.79 -23.82 -3.61
C THR A 177 -17.12 -23.64 -4.33
N ALA A 178 -17.11 -23.67 -5.67
CA ALA A 178 -18.31 -23.40 -6.43
C ALA A 178 -19.32 -24.53 -6.35
N THR A 179 -18.92 -25.71 -5.91
CA THR A 179 -19.82 -26.86 -5.81
C THR A 179 -20.07 -27.27 -4.37
N LYS A 180 -19.77 -26.38 -3.41
CA LYS A 180 -19.89 -26.72 -2.00
C LYS A 180 -21.33 -27.03 -1.64
N SER A 181 -21.54 -28.17 -0.97
CA SER A 181 -22.87 -28.60 -0.58
C SER A 181 -22.97 -28.75 0.93
N THR A 184 -17.87 -27.99 4.43
CA THR A 184 -16.91 -26.89 4.39
C THR A 184 -15.88 -27.10 3.29
N THR A 185 -15.49 -26.02 2.62
CA THR A 185 -14.48 -26.09 1.58
C THR A 185 -13.13 -26.41 2.21
N LYS A 186 -12.61 -27.61 1.95
CA LYS A 186 -11.35 -28.02 2.52
C LYS A 186 -10.20 -27.19 1.96
N ASN A 187 -9.11 -27.15 2.70
CA ASN A 187 -7.93 -26.40 2.30
C ASN A 187 -6.99 -27.30 1.51
N ARG A 188 -6.62 -26.86 0.29
CA ARG A 188 -5.63 -27.59 -0.48
C ARG A 188 -4.24 -27.40 0.09
N PHE A 189 -3.95 -26.21 0.61
CA PHE A 189 -2.68 -25.92 1.26
C PHE A 189 -2.93 -24.95 2.40
N VAL A 190 -1.99 -24.93 3.34
CA VAL A 190 -2.04 -24.03 4.49
C VAL A 190 -0.66 -23.39 4.65
N VAL A 191 -0.66 -22.14 5.09
CA VAL A 191 0.58 -21.41 5.31
C VAL A 191 0.46 -20.58 6.58
N ALA B 3 11.60 -22.43 -12.84
CA ALA B 3 11.03 -21.81 -11.65
C ALA B 3 11.44 -22.57 -10.40
N ASN B 4 11.90 -21.84 -9.38
CA ASN B 4 12.32 -22.42 -8.13
C ASN B 4 11.50 -21.83 -6.99
N PRO B 5 10.88 -22.66 -6.15
CA PRO B 5 10.06 -22.10 -5.06
C PRO B 5 10.87 -21.35 -4.01
N GLU B 6 12.11 -21.76 -3.76
CA GLU B 6 12.97 -21.10 -2.78
C GLU B 6 13.75 -19.93 -3.37
N HIS B 7 13.38 -19.47 -4.56
CA HIS B 7 14.02 -18.32 -5.18
C HIS B 7 13.24 -17.07 -4.86
N TYR B 8 13.93 -16.07 -4.29
CA TYR B 8 13.30 -14.83 -3.85
C TYR B 8 14.00 -13.66 -4.54
N ILE B 9 13.30 -12.99 -5.43
CA ILE B 9 13.84 -11.82 -6.13
C ILE B 9 13.61 -10.60 -5.28
N LYS B 10 14.58 -9.69 -5.27
CA LYS B 10 14.51 -8.44 -4.53
C LYS B 10 14.57 -7.27 -5.51
N HIS B 11 13.58 -6.39 -5.45
CA HIS B 11 13.54 -5.25 -6.36
C HIS B 11 14.27 -4.08 -5.74
N PRO B 12 15.38 -3.62 -6.33
CA PRO B 12 16.14 -2.54 -5.71
C PRO B 12 15.40 -1.21 -5.85
N LEU B 13 15.56 -0.36 -4.85
CA LEU B 13 15.07 1.01 -4.96
C LEU B 13 16.18 1.91 -5.49
N GLN B 14 15.77 3.08 -5.99
CA GLN B 14 16.75 3.99 -6.59
C GLN B 14 17.76 4.49 -5.57
N ASN B 15 17.33 4.65 -4.31
CA ASN B 15 18.18 5.15 -3.25
C ASN B 15 18.03 4.27 -2.02
N ARG B 16 19.04 4.30 -1.15
CA ARG B 16 18.94 3.67 0.15
C ARG B 16 18.33 4.67 1.13
N TRP B 17 17.42 4.17 1.97
CA TRP B 17 16.65 5.01 2.86
C TRP B 17 16.87 4.59 4.30
N ALA B 18 16.82 5.57 5.20
CA ALA B 18 17.01 5.35 6.62
C ALA B 18 15.79 5.87 7.38
N LEU B 19 15.29 5.07 8.31
CA LEU B 19 14.17 5.44 9.15
C LEU B 19 14.70 5.91 10.50
N TRP B 20 14.21 7.05 10.97
CA TRP B 20 14.66 7.66 12.22
C TRP B 20 13.52 7.71 13.23
N PHE B 21 13.89 7.67 14.51
CA PHE B 21 12.95 7.70 15.61
C PHE B 21 13.30 8.84 16.56
N PHE B 22 12.29 9.55 17.02
CA PHE B 22 12.42 10.58 18.05
C PHE B 22 11.66 10.13 19.29
N LYS B 23 12.33 10.16 20.43
CA LYS B 23 11.71 9.73 21.67
C LYS B 23 11.14 10.90 22.44
N LYS B 28 16.72 15.03 27.65
CA LYS B 28 17.77 15.28 26.68
C LYS B 28 17.36 16.36 25.68
N THR B 29 18.34 16.93 24.99
CA THR B 29 18.06 17.94 23.97
C THR B 29 17.44 17.29 22.74
N TRP B 30 16.95 18.14 21.82
CA TRP B 30 16.24 17.65 20.66
C TRP B 30 17.14 16.77 19.79
N GLN B 31 18.39 17.18 19.56
CA GLN B 31 19.28 16.42 18.71
C GLN B 31 19.62 15.06 19.31
N ALA B 32 19.75 14.99 20.64
CA ALA B 32 20.10 13.73 21.29
C ALA B 32 18.97 12.71 21.24
N ASN B 33 17.74 13.15 21.01
CA ASN B 33 16.60 12.26 20.99
C ASN B 33 16.42 11.53 19.65
N LEU B 34 17.26 11.81 18.67
CA LEU B 34 17.17 11.14 17.37
C LEU B 34 18.10 9.93 17.36
N ARG B 35 17.61 8.83 16.82
CA ARG B 35 18.41 7.63 16.62
C ARG B 35 17.98 6.99 15.31
N LEU B 36 18.95 6.46 14.58
CA LEU B 36 18.65 5.74 13.35
C LEU B 36 18.16 4.34 13.72
N ILE B 37 17.04 3.93 13.15
CA ILE B 37 16.44 2.63 13.46
C ILE B 37 17.08 1.57 12.57
N SER B 38 16.85 1.66 11.27
CA SER B 38 17.41 0.72 10.32
C SER B 38 17.30 1.32 8.93
N LYS B 39 17.96 0.67 7.98
CA LYS B 39 17.97 1.14 6.60
C LYS B 39 17.59 0.01 5.65
N PHE B 40 17.30 0.40 4.41
CA PHE B 40 16.87 -0.56 3.39
C PHE B 40 17.10 0.07 2.02
N ASP B 41 17.22 -0.78 1.01
CA ASP B 41 17.27 -0.28 -0.36
C ASP B 41 16.53 -1.20 -1.34
N THR B 42 15.61 -2.02 -0.86
CA THR B 42 14.79 -2.88 -1.71
C THR B 42 13.32 -2.76 -1.32
N VAL B 43 12.45 -3.14 -2.24
CA VAL B 43 11.02 -3.16 -1.96
C VAL B 43 10.72 -4.12 -0.81
N GLU B 44 11.35 -5.29 -0.84
CA GLU B 44 11.07 -6.31 0.18
C GLU B 44 11.57 -5.87 1.56
N ASP B 45 12.74 -5.23 1.62
CA ASP B 45 13.27 -4.81 2.90
C ASP B 45 12.48 -3.65 3.49
N PHE B 46 11.86 -2.83 2.65
CA PHE B 46 11.00 -1.76 3.17
C PHE B 46 9.79 -2.35 3.90
N TRP B 47 9.07 -3.27 3.24
CA TRP B 47 7.89 -3.86 3.86
C TRP B 47 8.27 -4.68 5.09
N ALA B 48 9.43 -5.35 5.04
CA ALA B 48 9.91 -6.08 6.21
C ALA B 48 10.10 -5.14 7.40
N LEU B 49 10.64 -3.94 7.15
CA LEU B 49 10.79 -2.96 8.21
C LEU B 49 9.44 -2.40 8.63
N TYR B 50 8.60 -2.02 7.66
CA TYR B 50 7.31 -1.42 7.98
C TYR B 50 6.41 -2.38 8.74
N ASN B 51 6.50 -3.68 8.45
CA ASN B 51 5.63 -4.67 9.08
C ASN B 51 6.13 -5.10 10.45
N HIS B 52 7.31 -4.66 10.87
CA HIS B 52 7.87 -5.05 12.16
C HIS B 52 8.05 -3.88 13.11
N ILE B 53 7.61 -2.68 12.73
CA ILE B 53 7.65 -1.52 13.59
C ILE B 53 6.23 -1.10 13.94
N GLN B 54 6.11 -0.31 15.00
CA GLN B 54 4.81 0.20 15.40
C GLN B 54 4.29 1.21 14.37
N LEU B 55 2.98 1.19 14.15
CA LEU B 55 2.36 2.24 13.34
C LEU B 55 2.43 3.58 14.07
N SER B 56 2.41 4.66 13.29
CA SER B 56 2.55 5.99 13.86
C SER B 56 1.39 6.33 14.79
N SER B 57 0.20 5.79 14.54
CA SER B 57 -0.94 6.09 15.40
C SER B 57 -0.84 5.43 16.77
N ASN B 58 0.09 4.50 16.95
CA ASN B 58 0.32 3.85 18.23
C ASN B 58 1.54 4.40 18.95
N LEU B 59 2.24 5.35 18.33
CA LEU B 59 3.37 6.02 18.97
C LEU B 59 2.89 6.78 20.21
N MET B 60 3.75 6.83 21.21
CA MET B 60 3.49 7.71 22.35
C MET B 60 3.48 9.16 21.86
N PRO B 61 2.62 10.00 22.43
CA PRO B 61 2.54 11.39 21.96
C PRO B 61 3.86 12.12 22.14
N GLY B 62 4.24 12.88 21.11
CA GLY B 62 5.51 13.59 21.10
C GLY B 62 6.62 12.90 20.34
N CYS B 63 6.39 11.70 19.82
CA CYS B 63 7.42 10.97 19.09
C CYS B 63 7.29 11.24 17.59
N ASP B 64 8.38 10.98 16.87
CA ASP B 64 8.41 11.20 15.43
C ASP B 64 8.92 9.96 14.70
N TYR B 65 8.49 9.82 13.45
CA TYR B 65 9.13 8.96 12.47
C TYR B 65 9.63 9.83 11.33
N SER B 66 10.82 9.52 10.82
CA SER B 66 11.34 10.22 9.66
C SER B 66 12.09 9.23 8.79
N LEU B 67 11.85 9.30 7.48
CA LEU B 67 12.56 8.48 6.50
C LEU B 67 13.30 9.40 5.55
N PHE B 68 14.63 9.38 5.62
CA PHE B 68 15.47 10.22 4.81
C PHE B 68 16.44 9.37 4.00
N LYS B 69 16.93 9.95 2.91
CA LYS B 69 17.94 9.29 2.09
C LYS B 69 19.18 9.00 2.94
N ASP B 70 19.84 7.90 2.62
CA ASP B 70 21.03 7.49 3.36
C ASP B 70 22.09 8.60 3.32
N GLY B 71 22.54 9.02 4.50
CA GLY B 71 23.49 10.10 4.61
C GLY B 71 22.90 11.44 4.98
N ILE B 72 21.57 11.57 4.96
CA ILE B 72 20.90 12.81 5.32
C ILE B 72 20.28 12.62 6.70
N GLU B 73 20.67 13.47 7.66
CA GLU B 73 20.04 13.42 8.96
C GLU B 73 18.79 14.29 8.98
N PRO B 74 17.74 13.88 9.73
CA PRO B 74 16.47 14.60 9.72
C PRO B 74 16.45 15.89 10.56
N MET B 75 17.42 16.76 10.29
CA MET B 75 17.51 18.04 10.96
C MET B 75 17.83 19.11 9.92
N TRP B 76 17.42 20.34 10.20
CA TRP B 76 17.58 21.39 9.21
C TRP B 76 19.02 21.84 9.07
N GLU B 77 19.90 21.50 10.01
CA GLU B 77 21.29 21.91 9.95
C GLU B 77 22.15 20.97 9.11
N ASP B 78 21.58 19.88 8.59
CA ASP B 78 22.33 19.00 7.70
C ASP B 78 22.71 19.75 6.43
N GLU B 79 23.84 19.35 5.84
CA GLU B 79 24.35 20.07 4.67
C GLU B 79 23.37 20.03 3.51
N LYS B 80 22.58 18.96 3.39
CA LYS B 80 21.59 18.85 2.34
C LYS B 80 20.24 19.45 2.69
N ASN B 81 20.07 19.98 3.90
CA ASN B 81 18.78 20.51 4.33
C ASN B 81 18.79 21.98 4.74
N LYS B 82 19.96 22.59 4.91
CA LYS B 82 20.02 23.94 5.47
C LYS B 82 19.31 24.96 4.59
N ARG B 83 19.27 24.73 3.28
CA ARG B 83 18.68 25.66 2.33
C ARG B 83 17.28 25.28 1.89
N GLY B 84 16.70 24.23 2.46
CA GLY B 84 15.45 23.67 2.00
C GLY B 84 14.25 24.03 2.84
N GLY B 85 13.23 23.20 2.74
CA GLY B 85 11.98 23.43 3.44
C GLY B 85 11.13 22.18 3.43
N ARG B 86 9.87 22.33 3.83
CA ARG B 86 8.97 21.20 3.97
C ARG B 86 7.55 21.55 3.54
N TRP B 87 6.88 20.59 2.91
CA TRP B 87 5.44 20.65 2.69
C TRP B 87 4.76 20.01 3.90
N LEU B 88 3.93 20.78 4.60
CA LEU B 88 3.39 20.37 5.89
C LEU B 88 1.89 20.12 5.81
N ILE B 89 1.45 19.03 6.44
CA ILE B 89 0.03 18.71 6.60
C ILE B 89 -0.27 18.61 8.09
N THR B 90 -1.39 19.21 8.52
CA THR B 90 -1.82 19.19 9.91
C THR B 90 -3.14 18.45 10.01
N LEU B 91 -3.21 17.47 10.92
CA LEU B 91 -4.37 16.63 11.11
C LEU B 91 -5.06 16.92 12.44
N ASN B 92 -6.35 16.58 12.50
CA ASN B 92 -7.13 16.69 13.73
C ASN B 92 -6.84 15.50 14.65
N LYS B 93 -7.49 15.50 15.81
CA LYS B 93 -7.37 14.38 16.73
C LYS B 93 -8.11 13.15 16.22
N GLN B 94 -9.27 13.36 15.57
CA GLN B 94 -10.06 12.24 15.10
C GLN B 94 -9.45 11.58 13.87
N GLN B 95 -8.67 12.33 13.08
CA GLN B 95 -8.01 11.77 11.92
C GLN B 95 -6.93 10.75 12.28
N ARG B 96 -6.55 10.64 13.56
CA ARG B 96 -5.50 9.70 13.94
C ARG B 96 -5.89 8.26 13.61
N ARG B 97 -7.03 7.81 14.12
CA ARG B 97 -7.52 6.48 13.77
C ARG B 97 -8.00 6.43 12.33
N SER B 98 -8.44 7.57 11.79
CA SER B 98 -9.05 7.59 10.46
C SER B 98 -7.99 7.62 9.36
N ASP B 99 -6.98 8.48 9.50
CA ASP B 99 -6.10 8.75 8.37
C ASP B 99 -4.61 8.81 8.68
N LEU B 100 -4.19 8.85 9.95
CA LEU B 100 -2.77 9.08 10.24
C LEU B 100 -1.90 7.93 9.74
N ASP B 101 -2.24 6.70 10.11
CA ASP B 101 -1.46 5.55 9.64
C ASP B 101 -1.57 5.44 8.13
N ARG B 102 -2.75 5.69 7.58
CA ARG B 102 -2.94 5.66 6.14
C ARG B 102 -2.09 6.74 5.45
N PHE B 103 -2.15 7.97 5.95
CA PHE B 103 -1.44 9.07 5.30
C PHE B 103 0.07 8.82 5.28
N TRP B 104 0.62 8.26 6.36
CA TRP B 104 2.07 8.09 6.44
C TRP B 104 2.57 7.05 5.45
N LEU B 105 1.82 5.95 5.27
CA LEU B 105 2.23 4.92 4.33
C LEU B 105 2.33 5.45 2.91
N GLU B 106 1.31 6.20 2.48
CA GLU B 106 1.35 6.88 1.19
C GLU B 106 2.61 7.73 1.06
N THR B 107 2.96 8.45 2.13
CA THR B 107 4.17 9.27 2.12
C THR B 107 5.41 8.43 1.86
N LEU B 108 5.57 7.33 2.60
CA LEU B 108 6.75 6.48 2.45
C LEU B 108 6.90 5.97 1.03
N LEU B 109 5.80 5.49 0.44
CA LEU B 109 5.85 4.99 -0.93
C LEU B 109 6.13 6.09 -1.94
N CYS B 110 5.71 7.33 -1.64
CA CYS B 110 6.07 8.46 -2.48
C CYS B 110 7.58 8.59 -2.60
N LEU B 111 8.27 8.60 -1.46
CA LEU B 111 9.71 8.81 -1.45
C LEU B 111 10.44 7.66 -2.15
N ILE B 112 10.26 6.44 -1.68
CA ILE B 112 11.02 5.31 -2.20
C ILE B 112 10.66 4.96 -3.64
N GLY B 113 9.54 5.48 -4.15
CA GLY B 113 9.16 5.27 -5.53
C GLY B 113 9.66 6.31 -6.51
N GLU B 114 10.30 7.38 -6.03
CA GLU B 114 10.79 8.46 -6.88
C GLU B 114 9.65 9.02 -7.74
N SER B 115 8.61 9.49 -7.05
CA SER B 115 7.35 9.84 -7.67
C SER B 115 7.19 11.34 -7.92
N PHE B 116 8.28 12.08 -8.02
CA PHE B 116 8.22 13.53 -8.17
C PHE B 116 8.82 13.99 -9.49
N ASP B 117 8.79 13.11 -10.49
CA ASP B 117 9.11 13.44 -11.89
C ASP B 117 10.55 13.95 -11.95
N ASP B 118 10.81 15.14 -12.48
CA ASP B 118 12.17 15.64 -12.64
C ASP B 118 12.73 16.24 -11.37
N TYR B 119 11.94 16.34 -10.30
CA TYR B 119 12.37 16.99 -9.06
C TYR B 119 12.43 16.01 -7.90
N SER B 120 12.56 14.71 -8.19
CA SER B 120 12.63 13.72 -7.12
C SER B 120 13.90 13.86 -6.29
N ASP B 121 15.01 14.29 -6.92
CA ASP B 121 16.26 14.45 -6.18
C ASP B 121 16.22 15.61 -5.19
N ASP B 122 15.32 16.57 -5.39
CA ASP B 122 15.20 17.66 -4.43
C ASP B 122 14.65 17.18 -3.10
N VAL B 123 13.95 16.05 -3.09
CA VAL B 123 13.42 15.49 -1.84
C VAL B 123 14.57 14.93 -1.02
N CYS B 124 14.54 15.23 0.29
CA CYS B 124 15.49 14.67 1.25
C CYS B 124 14.87 13.58 2.10
N GLY B 125 13.58 13.72 2.42
CA GLY B 125 12.91 12.75 3.26
C GLY B 125 11.54 13.26 3.67
N ALA B 126 10.98 12.59 4.67
CA ALA B 126 9.67 12.95 5.19
C ALA B 126 9.65 12.70 6.69
N VAL B 127 8.84 13.48 7.40
CA VAL B 127 8.71 13.39 8.85
C VAL B 127 7.24 13.39 9.21
N VAL B 128 6.86 12.56 10.19
CA VAL B 128 5.53 12.56 10.76
C VAL B 128 5.66 12.79 12.26
N ASN B 129 4.91 13.77 12.78
CA ASN B 129 4.90 14.09 14.20
C ASN B 129 3.58 13.63 14.81
N VAL B 130 3.67 12.87 15.89
CA VAL B 130 2.49 12.44 16.64
C VAL B 130 2.34 13.38 17.83
N ARG B 131 1.33 14.25 17.77
CA ARG B 131 1.13 15.28 18.78
C ARG B 131 -0.30 15.23 19.30
N ALA B 132 -0.46 15.55 20.58
CA ALA B 132 -1.79 15.61 21.18
C ALA B 132 -2.63 16.74 20.59
N LYS B 133 -1.99 17.88 20.29
CA LYS B 133 -2.72 18.99 19.68
C LYS B 133 -3.11 18.70 18.25
N GLY B 134 -2.50 17.70 17.62
CA GLY B 134 -2.79 17.36 16.24
C GLY B 134 -1.56 16.83 15.52
N ASP B 135 -1.73 15.73 14.80
CA ASP B 135 -0.61 15.08 14.15
C ASP B 135 -0.20 15.84 12.89
N LYS B 136 1.07 15.73 12.54
CA LYS B 136 1.64 16.46 11.41
C LYS B 136 2.48 15.53 10.55
N ILE B 137 2.44 15.76 9.24
CA ILE B 137 3.26 15.05 8.27
C ILE B 137 3.92 16.08 7.37
N ALA B 138 5.22 15.92 7.11
CA ALA B 138 5.96 16.85 6.28
C ALA B 138 6.91 16.08 5.39
N ILE B 139 7.11 16.59 4.17
CA ILE B 139 8.12 16.08 3.25
C ILE B 139 9.15 17.18 3.05
N TRP B 140 10.41 16.86 3.31
CA TRP B 140 11.49 17.85 3.30
C TRP B 140 12.18 17.86 1.95
N THR B 141 12.48 19.07 1.47
CA THR B 141 13.23 19.27 0.24
C THR B 141 14.53 20.00 0.54
N THR B 142 15.48 19.90 -0.39
CA THR B 142 16.83 20.37 -0.14
C THR B 142 17.03 21.85 -0.48
N GLU B 143 16.14 22.45 -1.26
CA GLU B 143 16.37 23.82 -1.73
C GLU B 143 15.01 24.50 -1.86
N CYS B 144 14.78 25.51 -1.03
CA CYS B 144 13.51 26.23 -1.04
C CYS B 144 13.46 27.32 -2.11
N GLU B 145 14.58 27.61 -2.76
CA GLU B 145 14.62 28.62 -3.80
C GLU B 145 14.43 28.04 -5.19
N ASN B 146 14.29 26.71 -5.30
CA ASN B 146 13.91 26.07 -6.56
C ASN B 146 12.40 26.14 -6.67
N ARG B 147 11.92 27.19 -7.34
CA ARG B 147 10.48 27.41 -7.43
C ARG B 147 9.78 26.26 -8.14
N ASP B 148 10.35 25.79 -9.25
CA ASP B 148 9.74 24.70 -9.99
C ASP B 148 9.73 23.40 -9.19
N ALA B 149 10.83 23.10 -8.50
CA ALA B 149 10.92 21.86 -7.73
C ALA B 149 9.92 21.85 -6.58
N VAL B 150 9.87 22.94 -5.81
CA VAL B 150 9.05 22.97 -4.61
C VAL B 150 7.56 22.89 -4.97
N THR B 151 7.13 23.71 -5.94
CA THR B 151 5.72 23.76 -6.28
C THR B 151 5.24 22.46 -6.92
N HIS B 152 6.09 21.83 -7.74
CA HIS B 152 5.69 20.57 -8.36
C HIS B 152 5.60 19.45 -7.34
N ILE B 153 6.55 19.39 -6.40
CA ILE B 153 6.55 18.34 -5.40
C ILE B 153 5.30 18.42 -4.52
N GLY B 154 4.88 19.64 -4.17
CA GLY B 154 3.70 19.79 -3.35
C GLY B 154 2.42 19.39 -4.06
N ARG B 155 2.29 19.73 -5.35
CA ARG B 155 1.09 19.38 -6.09
C ARG B 155 0.99 17.87 -6.29
N VAL B 156 2.10 17.21 -6.62
CA VAL B 156 2.09 15.76 -6.77
C VAL B 156 1.78 15.10 -5.44
N TYR B 157 2.32 15.66 -4.35
CA TYR B 157 2.14 15.06 -3.04
C TYR B 157 0.69 15.15 -2.58
N LYS B 158 0.05 16.31 -2.76
CA LYS B 158 -1.35 16.45 -2.34
C LYS B 158 -2.27 15.55 -3.16
N GLU B 159 -1.99 15.41 -4.44
CA GLU B 159 -2.82 14.54 -5.29
C GLU B 159 -2.59 13.07 -4.95
N ARG B 160 -1.34 12.69 -4.65
CA ARG B 160 -1.05 11.29 -4.36
C ARG B 160 -1.69 10.81 -3.06
N LEU B 161 -2.10 11.73 -2.18
CA LEU B 161 -2.80 11.40 -0.94
C LEU B 161 -4.29 11.75 -1.01
N GLY B 162 -4.81 11.97 -2.22
CA GLY B 162 -6.24 12.13 -2.40
C GLY B 162 -6.89 13.21 -1.57
N LEU B 163 -6.14 14.24 -1.19
CA LEU B 163 -6.72 15.32 -0.38
C LEU B 163 -7.51 16.28 -1.26
N PRO B 164 -8.72 16.65 -0.87
CA PRO B 164 -9.51 17.61 -1.67
C PRO B 164 -8.87 18.99 -1.63
N PRO B 165 -9.15 19.84 -2.63
CA PRO B 165 -8.57 21.20 -2.62
C PRO B 165 -9.06 22.06 -1.47
N LYS B 166 -10.16 21.70 -0.81
CA LYS B 166 -10.63 22.48 0.33
C LYS B 166 -9.60 22.48 1.46
N ILE B 167 -8.87 21.39 1.62
CA ILE B 167 -7.77 21.34 2.59
C ILE B 167 -6.53 21.91 1.93
N VAL B 168 -5.87 22.84 2.63
CA VAL B 168 -4.70 23.52 2.10
C VAL B 168 -3.45 23.01 2.81
N ILE B 169 -2.45 22.62 2.02
CA ILE B 169 -1.15 22.21 2.54
C ILE B 169 -0.18 23.36 2.31
N GLY B 170 0.73 23.57 3.27
CA GLY B 170 1.62 24.71 3.23
C GLY B 170 3.08 24.29 3.16
N TYR B 171 3.88 25.13 2.51
CA TYR B 171 5.32 24.96 2.44
C TYR B 171 6.00 26.04 3.27
N GLN B 172 6.99 25.63 4.06
CA GLN B 172 7.71 26.57 4.92
C GLN B 172 9.20 26.31 4.80
N SER B 173 9.99 27.39 4.79
CA SER B 173 11.44 27.29 4.74
C SER B 173 11.97 26.91 6.11
N HIS B 174 13.08 26.15 6.11
CA HIS B 174 13.67 25.71 7.37
C HIS B 174 14.12 26.90 8.20
N ALA B 175 14.77 27.89 7.57
CA ALA B 175 15.25 29.05 8.32
C ALA B 175 14.09 29.83 8.95
N ASP B 176 12.97 29.94 8.25
CA ASP B 176 11.79 30.61 8.79
C ASP B 176 11.11 29.77 9.86
#